data_5QIB
#
_entry.id   5QIB
#
_cell.length_a   97.996
_cell.length_b   97.996
_cell.length_c   81.741
_cell.angle_alpha   90.000
_cell.angle_beta   90.000
_cell.angle_gamma   90.000
#
_symmetry.space_group_name_H-M   'I 4'
#
loop_
_entity.id
_entity.type
_entity.pdbx_description
1 polymer 'Hydroxyacid oxidase 1'
2 non-polymer 1-DEOXY-1-(7,8-DIMETHYL-2,4-DIOXO-3,4-DIHYDRO-2H-BENZO[G]PTERIDIN-1-ID-10(5H)-YL)-5-O-PHOSPHONATO-D-RIBITOL
3 non-polymer 5-(cyclohexylamino)pyrimidine-2,4(1H,3H)-dione
4 water water
#
_entity_poly.entity_id   1
_entity_poly.type   'polypeptide(L)'
_entity_poly.pdbx_seq_one_letter_code
;SMLPRLICINDYEQHAKSVLPKSIYDYYRSGANDEETLADNIAAFSRWKLYPRMLRNVAETDLSTSVLGQRVSMPICVGA
TAMQRMAHVDGELATVRACQSLGTGMMLSSWATSSIEEVAEAGPEALRWLQLYIYKDREVTKKLVRQAEKMGYKAIFVTV
DTPYLGNRLDDVRNRFKLPPQLRMKNFETSTLSFSPEENFGDDSGLAAYVAKAIDPSISWEDIKWLRRLTSLPIVAKGIL
RGDDAREAVKHGLNGILVSNHGARQLDGVPATIDVLPEIVEAVEGKVEVFLDGGVRKGTDVLKALALGAKAVFVGRPIVW
GLAFQGEKGVQDVLEILKEEFRLAMALSGCQNVKVIDKTLVRKNPLAVS
;
_entity_poly.pdbx_strand_id   A
#
loop_
_chem_comp.id
_chem_comp.type
_chem_comp.name
_chem_comp.formula
FNR non-polymer 1-DEOXY-1-(7,8-DIMETHYL-2,4-DIOXO-3,4-DIHYDRO-2H-BENZO[G]PTERIDIN-1-ID-10(5H)-YL)-5-O-PHOSPHONATO-D-RIBITOL 'C17 H23 N4 O9 P'
GX7 non-polymer 5-(cyclohexylamino)pyrimidine-2,4(1H,3H)-dione 'C10 H15 N3 O2'
#
# COMPACT_ATOMS: atom_id res chain seq x y z
N ARG A 5 26.88 6.91 -2.52
N ARG A 5 26.88 6.91 -2.52
CA ARG A 5 25.87 7.26 -1.49
CA ARG A 5 25.87 7.26 -1.49
C ARG A 5 24.85 6.10 -1.20
C ARG A 5 24.85 6.10 -1.20
N LEU A 6 23.77 5.97 -1.97
N LEU A 6 23.77 5.97 -1.97
CA LEU A 6 22.62 5.11 -1.54
CA LEU A 6 22.62 5.11 -1.54
C LEU A 6 22.61 3.76 -2.26
C LEU A 6 22.61 3.76 -2.26
N ILE A 7 22.91 2.69 -1.53
CA ILE A 7 23.11 1.39 -2.18
C ILE A 7 22.15 0.25 -1.76
N CYS A 8 21.29 0.55 -0.81
CA CYS A 8 20.28 -0.40 -0.29
C CYS A 8 19.07 0.41 0.13
N ILE A 9 17.94 -0.24 0.37
CA ILE A 9 16.71 0.47 0.70
C ILE A 9 16.84 1.21 2.04
N ASN A 10 17.49 0.60 3.02
CA ASN A 10 17.66 1.33 4.33
C ASN A 10 18.36 2.68 4.10
N ASP A 11 19.30 2.77 3.17
CA ASP A 11 19.98 4.09 2.92
C ASP A 11 18.99 5.16 2.47
N TYR A 12 18.01 4.78 1.65
CA TYR A 12 16.97 5.70 1.16
C TYR A 12 16.11 6.19 2.32
N GLU A 13 15.75 5.32 3.26
CA GLU A 13 14.98 5.83 4.38
C GLU A 13 15.79 6.85 5.16
N GLN A 14 17.06 6.56 5.41
CA GLN A 14 17.87 7.48 6.21
C GLN A 14 17.99 8.84 5.52
N HIS A 15 18.18 8.86 4.22
CA HIS A 15 18.21 10.11 3.45
C HIS A 15 16.88 10.86 3.53
N ALA A 16 15.78 10.12 3.42
CA ALA A 16 14.46 10.76 3.54
C ALA A 16 14.26 11.46 4.88
N LYS A 17 14.64 10.82 5.97
CA LYS A 17 14.54 11.44 7.27
C LYS A 17 15.33 12.80 7.32
N SER A 18 16.46 12.86 6.65
CA SER A 18 17.29 14.09 6.66
C SER A 18 16.70 15.23 5.80
N VAL A 19 15.92 14.92 4.75
CA VAL A 19 15.35 15.95 3.90
C VAL A 19 13.88 16.31 4.14
N LEU A 20 13.09 15.38 4.71
CA LEU A 20 11.68 15.69 4.90
C LEU A 20 11.35 16.42 6.19
N PRO A 21 10.34 17.31 6.14
CA PRO A 21 9.87 17.79 7.45
C PRO A 21 9.41 16.63 8.37
N LYS A 22 9.66 16.76 9.67
CA LYS A 22 9.30 15.73 10.67
C LYS A 22 7.85 15.21 10.54
N SER A 23 6.85 16.08 10.47
CA SER A 23 5.45 15.66 10.34
C SER A 23 5.19 14.76 9.12
N ILE A 24 5.90 15.04 8.03
CA ILE A 24 5.70 14.28 6.79
C ILE A 24 6.43 12.95 6.95
N TYR A 25 7.70 12.97 7.42
CA TYR A 25 8.45 11.72 7.61
C TYR A 25 7.67 10.81 8.58
N ASP A 26 7.15 11.40 9.66
CA ASP A 26 6.44 10.60 10.70
C ASP A 26 5.14 10.01 10.14
N TYR A 27 4.41 10.76 9.32
N TYR A 27 4.41 10.76 9.32
N TYR A 27 4.44 10.77 9.31
N TYR A 27 4.44 10.77 9.31
CA TYR A 27 3.21 10.24 8.68
CA TYR A 27 3.21 10.24 8.68
CA TYR A 27 3.23 10.30 8.62
CA TYR A 27 3.23 10.30 8.62
C TYR A 27 3.58 8.96 7.91
C TYR A 27 3.58 8.96 7.91
C TYR A 27 3.49 9.04 7.79
C TYR A 27 3.49 9.04 7.79
N TYR A 28 4.63 9.03 7.11
CA TYR A 28 5.00 7.92 6.26
C TYR A 28 5.59 6.76 7.06
N ARG A 29 6.40 7.05 8.06
CA ARG A 29 7.11 6.02 8.84
C ARG A 29 6.15 5.23 9.76
N SER A 30 5.18 5.90 10.36
CA SER A 30 4.58 5.44 11.58
C SER A 30 3.77 4.15 11.38
N GLY A 31 3.69 3.42 12.48
CA GLY A 31 2.70 2.33 12.67
C GLY A 31 1.67 2.74 13.70
N ALA A 32 0.77 1.80 14.02
CA ALA A 32 -0.29 2.06 15.02
C ALA A 32 0.25 1.86 16.43
N ASN A 33 -0.22 2.72 17.38
CA ASN A 33 0.00 2.49 18.80
C ASN A 33 1.45 2.31 19.14
N ASP A 34 1.83 1.25 19.87
CA ASP A 34 3.24 1.04 20.23
C ASP A 34 4.13 0.49 19.11
N GLU A 35 3.55 0.23 17.93
CA GLU A 35 4.33 -0.13 16.76
C GLU A 35 5.00 -1.50 16.90
N GLU A 36 4.33 -2.44 17.58
CA GLU A 36 4.84 -3.81 17.75
C GLU A 36 4.84 -4.55 16.40
N THR A 37 3.73 -4.43 15.65
CA THR A 37 3.68 -5.14 14.38
C THR A 37 4.63 -4.51 13.37
N LEU A 38 4.83 -3.18 13.46
CA LEU A 38 5.76 -2.49 12.53
C LEU A 38 7.15 -3.10 12.62
N ALA A 39 7.62 -3.36 13.85
CA ALA A 39 8.94 -3.96 14.02
C ALA A 39 8.92 -5.40 13.53
N ASP A 40 7.84 -6.13 13.83
CA ASP A 40 7.75 -7.55 13.51
C ASP A 40 7.66 -7.82 11.99
N ASN A 41 7.01 -6.94 11.21
CA ASN A 41 6.97 -7.13 9.76
C ASN A 41 8.38 -7.30 9.17
N ILE A 42 9.36 -6.56 9.74
CA ILE A 42 10.78 -6.74 9.36
C ILE A 42 11.43 -7.94 10.07
N ALA A 43 11.32 -8.00 11.39
CA ALA A 43 11.99 -9.09 12.15
C ALA A 43 11.61 -10.49 11.72
N ALA A 44 10.35 -10.66 11.33
CA ALA A 44 9.86 -11.95 10.98
C ALA A 44 10.59 -12.53 9.76
N PHE A 45 10.91 -11.67 8.79
CA PHE A 45 11.66 -12.13 7.62
C PHE A 45 12.99 -12.75 8.03
N SER A 46 13.66 -12.12 9.01
CA SER A 46 14.95 -12.66 9.46
C SER A 46 14.83 -14.03 10.11
N ARG A 47 13.67 -14.40 10.72
CA ARG A 47 13.52 -15.72 11.30
C ARG A 47 13.35 -16.86 10.30
N TRP A 48 12.93 -16.55 9.08
CA TRP A 48 12.83 -17.54 8.05
C TRP A 48 14.20 -17.70 7.40
N LYS A 49 14.79 -18.86 7.52
CA LYS A 49 16.13 -19.07 7.01
C LYS A 49 16.09 -19.74 5.65
N LEU A 50 17.12 -19.48 4.84
CA LEU A 50 17.26 -19.99 3.48
C LEU A 50 18.17 -21.21 3.37
N TYR A 51 17.75 -22.14 2.53
CA TYR A 51 18.47 -23.42 2.32
C TYR A 51 18.79 -23.56 0.84
N PRO A 52 19.84 -22.88 0.37
CA PRO A 52 20.15 -22.77 -1.07
C PRO A 52 20.63 -24.06 -1.70
N ARG A 53 20.20 -24.29 -2.94
CA ARG A 53 20.80 -25.38 -3.72
C ARG A 53 21.99 -24.89 -4.53
N MET A 54 23.03 -25.73 -4.61
CA MET A 54 24.22 -25.41 -5.37
C MET A 54 24.23 -26.10 -6.74
N LEU A 55 24.99 -25.53 -7.67
N LEU A 55 24.99 -25.53 -7.67
N LEU A 55 25.06 -25.56 -7.63
N LEU A 55 25.06 -25.56 -7.63
CA LEU A 55 25.33 -26.21 -8.95
CA LEU A 55 25.33 -26.21 -8.95
CA LEU A 55 25.43 -26.25 -8.88
CA LEU A 55 25.43 -26.25 -8.88
C LEU A 55 24.08 -26.50 -9.81
C LEU A 55 24.08 -26.50 -9.81
C LEU A 55 24.24 -26.41 -9.84
C LEU A 55 24.24 -26.41 -9.84
N ARG A 56 23.26 -25.47 -9.98
N ARG A 56 23.26 -25.47 -9.98
N ARG A 56 23.36 -25.42 -9.84
N ARG A 56 23.36 -25.42 -9.84
CA ARG A 56 21.99 -25.57 -10.69
CA ARG A 56 21.99 -25.57 -10.69
CA ARG A 56 22.31 -25.32 -10.84
CA ARG A 56 22.31 -25.32 -10.84
C ARG A 56 22.04 -24.88 -12.05
C ARG A 56 22.04 -24.88 -12.05
C ARG A 56 22.73 -24.21 -11.78
C ARG A 56 22.73 -24.21 -11.78
N ASN A 57 23.13 -24.18 -12.34
N ASN A 57 23.13 -24.18 -12.34
N ASN A 57 22.62 -24.43 -13.07
N ASN A 57 22.62 -24.43 -13.07
CA ASN A 57 23.29 -23.35 -13.55
CA ASN A 57 23.29 -23.35 -13.55
CA ASN A 57 22.94 -23.40 -14.02
CA ASN A 57 22.94 -23.40 -14.02
C ASN A 57 22.42 -22.08 -13.55
C ASN A 57 22.42 -22.08 -13.55
C ASN A 57 22.09 -22.17 -13.69
C ASN A 57 22.09 -22.17 -13.69
N VAL A 58 22.95 -20.99 -13.01
N VAL A 58 22.95 -20.99 -13.01
N VAL A 58 22.73 -21.07 -13.25
N VAL A 58 22.73 -21.07 -13.25
CA VAL A 58 22.20 -19.74 -12.90
CA VAL A 58 22.20 -19.74 -12.90
CA VAL A 58 22.00 -19.82 -13.02
CA VAL A 58 22.00 -19.82 -13.02
C VAL A 58 22.77 -18.62 -13.75
C VAL A 58 22.77 -18.62 -13.75
C VAL A 58 22.58 -18.65 -13.83
C VAL A 58 22.58 -18.65 -13.83
N ALA A 59 23.23 -18.98 -14.94
CA ALA A 59 23.74 -17.98 -15.90
C ALA A 59 22.63 -17.13 -16.45
N GLU A 60 21.42 -17.64 -16.56
CA GLU A 60 20.42 -16.87 -17.33
C GLU A 60 19.20 -16.32 -16.58
N THR A 61 19.38 -15.81 -15.38
CA THR A 61 18.25 -15.74 -14.42
C THR A 61 17.07 -14.90 -14.91
N ASP A 62 15.88 -15.50 -14.93
CA ASP A 62 14.66 -14.86 -15.48
C ASP A 62 13.77 -14.50 -14.29
N LEU A 63 13.59 -13.19 -14.10
CA LEU A 63 12.78 -12.69 -12.94
C LEU A 63 11.32 -12.49 -13.32
N SER A 64 10.94 -12.63 -14.57
CA SER A 64 9.57 -12.29 -14.98
C SER A 64 8.52 -13.23 -14.45
N THR A 65 7.31 -12.68 -14.30
CA THR A 65 6.19 -13.46 -13.84
C THR A 65 4.93 -12.76 -14.34
N SER A 66 3.79 -13.12 -13.76
N SER A 66 3.79 -13.10 -13.77
N SER A 66 3.79 -13.12 -13.76
N SER A 66 3.79 -13.10 -13.77
CA SER A 66 2.51 -12.54 -14.12
CA SER A 66 2.57 -12.40 -14.09
CA SER A 66 2.51 -12.54 -14.12
CA SER A 66 2.57 -12.40 -14.09
C SER A 66 1.70 -12.21 -12.85
C SER A 66 1.74 -12.17 -12.85
C SER A 66 1.70 -12.21 -12.85
C SER A 66 1.74 -12.17 -12.85
N VAL A 67 0.92 -11.12 -12.92
CA VAL A 67 0.00 -10.73 -11.80
C VAL A 67 -1.39 -10.67 -12.42
N LEU A 68 -2.27 -11.60 -12.05
CA LEU A 68 -3.70 -11.63 -12.55
C LEU A 68 -3.75 -11.67 -14.08
N GLY A 69 -2.82 -12.40 -14.66
CA GLY A 69 -2.70 -12.63 -16.12
C GLY A 69 -1.88 -11.63 -16.92
N GLN A 70 -1.38 -10.55 -16.29
CA GLN A 70 -0.62 -9.53 -16.95
C GLN A 70 0.86 -9.74 -16.66
N ARG A 71 1.70 -9.75 -17.68
CA ARG A 71 3.14 -9.89 -17.46
C ARG A 71 3.79 -8.72 -16.74
N VAL A 72 4.70 -9.06 -15.81
CA VAL A 72 5.58 -8.10 -15.16
C VAL A 72 7.03 -8.59 -15.26
N SER A 73 7.96 -7.64 -15.16
CA SER A 73 9.42 -7.90 -15.27
C SER A 73 10.01 -8.56 -14.05
N MET A 74 9.29 -8.48 -12.93
CA MET A 74 9.79 -9.06 -11.66
C MET A 74 8.57 -9.19 -10.73
N PRO A 75 8.62 -10.01 -9.68
CA PRO A 75 7.50 -10.23 -8.75
C PRO A 75 7.51 -9.18 -7.62
N ILE A 76 7.73 -7.92 -7.97
CA ILE A 76 7.98 -6.79 -7.04
C ILE A 76 7.24 -5.61 -7.64
N CYS A 77 6.16 -5.20 -6.99
CA CYS A 77 5.23 -4.19 -7.51
C CYS A 77 5.07 -3.09 -6.49
N VAL A 78 4.60 -1.93 -6.94
CA VAL A 78 4.34 -0.77 -6.07
C VAL A 78 2.99 -0.78 -5.42
N GLY A 79 3.00 -0.81 -4.06
CA GLY A 79 1.76 -0.72 -3.29
C GLY A 79 1.21 0.68 -3.13
N ALA A 80 -0.08 0.76 -2.79
CA ALA A 80 -0.78 2.06 -2.61
C ALA A 80 -0.28 2.78 -1.38
N THR A 81 0.30 3.97 -1.54
CA THR A 81 0.67 4.83 -0.44
C THR A 81 0.09 6.21 -0.74
N ALA A 82 -0.74 6.72 0.13
CA ALA A 82 -1.43 7.97 -0.08
C ALA A 82 -0.53 9.19 -0.13
N MET A 83 -1.01 10.20 -0.86
N MET A 83 -1.01 10.20 -0.86
N MET A 83 -1.00 10.24 -0.82
N MET A 83 -1.00 10.24 -0.82
CA MET A 83 -0.50 11.57 -0.76
CA MET A 83 -0.50 11.57 -0.76
CA MET A 83 -0.42 11.59 -0.67
CA MET A 83 -0.42 11.59 -0.67
C MET A 83 1.00 11.68 -1.08
C MET A 83 1.00 11.68 -1.08
C MET A 83 1.05 11.69 -1.08
C MET A 83 1.05 11.69 -1.08
N GLN A 84 1.40 11.10 -2.21
CA GLN A 84 2.82 11.03 -2.62
C GLN A 84 3.47 12.40 -2.98
N ARG A 85 2.62 13.39 -3.32
CA ARG A 85 3.20 14.75 -3.55
C ARG A 85 3.76 15.41 -2.30
N MET A 86 3.46 14.92 -1.09
CA MET A 86 4.20 15.42 0.07
C MET A 86 5.69 15.11 0.03
N ALA A 87 6.09 14.04 -0.67
CA ALA A 87 7.48 13.61 -0.70
C ALA A 87 8.24 14.26 -1.82
N HIS A 88 7.54 14.52 -2.90
CA HIS A 88 8.18 15.11 -4.11
C HIS A 88 7.12 15.76 -4.93
N VAL A 89 7.46 16.90 -5.57
CA VAL A 89 6.47 17.65 -6.31
C VAL A 89 5.70 16.85 -7.33
N ASP A 90 6.32 15.87 -8.01
CA ASP A 90 5.68 15.08 -9.04
C ASP A 90 4.87 13.86 -8.52
N GLY A 91 5.10 13.51 -7.25
CA GLY A 91 4.22 12.52 -6.54
C GLY A 91 3.92 11.26 -7.37
N GLU A 92 2.66 10.90 -7.52
CA GLU A 92 2.24 9.69 -8.18
C GLU A 92 2.64 9.62 -9.70
N LEU A 93 2.84 10.81 -10.31
CA LEU A 93 3.27 10.83 -11.70
C LEU A 93 4.70 10.36 -11.85
N ALA A 94 5.55 10.77 -10.95
CA ALA A 94 6.93 10.22 -10.86
C ALA A 94 6.88 8.69 -10.64
N THR A 95 6.03 8.27 -9.72
CA THR A 95 5.95 6.81 -9.45
C THR A 95 5.55 5.98 -10.65
N VAL A 96 4.51 6.39 -11.38
CA VAL A 96 4.00 5.61 -12.48
C VAL A 96 5.01 5.56 -13.66
N ARG A 97 5.70 6.69 -13.83
CA ARG A 97 6.75 6.78 -14.86
C ARG A 97 7.86 5.79 -14.55
N ALA A 98 8.27 5.64 -13.30
CA ALA A 98 9.31 4.70 -12.92
C ALA A 98 8.82 3.25 -13.15
N CYS A 99 7.58 2.96 -12.78
CA CYS A 99 7.02 1.63 -12.98
C CYS A 99 7.03 1.27 -14.45
N GLN A 100 6.63 2.22 -15.31
CA GLN A 100 6.67 2.01 -16.76
C GLN A 100 8.09 1.64 -17.24
N SER A 101 9.08 2.34 -16.74
CA SER A 101 10.54 2.09 -17.11
C SER A 101 10.92 0.66 -16.69
N LEU A 102 10.49 0.27 -15.50
CA LEU A 102 10.89 -1.04 -14.95
C LEU A 102 10.13 -2.20 -15.50
N GLY A 103 8.94 -1.98 -16.05
CA GLY A 103 8.10 -3.05 -16.50
C GLY A 103 7.30 -3.74 -15.40
N THR A 104 7.01 -2.99 -14.34
CA THR A 104 6.23 -3.56 -13.24
C THR A 104 4.98 -2.70 -13.02
N GLY A 105 4.14 -3.08 -12.06
CA GLY A 105 2.85 -2.47 -11.86
C GLY A 105 2.77 -1.53 -10.68
N MET A 106 1.88 -0.54 -10.83
CA MET A 106 1.61 0.43 -9.75
C MET A 106 0.17 0.29 -9.30
N MET A 107 -0.02 0.06 -8.01
CA MET A 107 -1.32 0.17 -7.34
C MET A 107 -1.51 1.63 -6.86
N LEU A 108 -2.49 2.34 -7.46
CA LEU A 108 -2.81 3.73 -7.16
C LEU A 108 -3.75 3.83 -5.97
N SER A 109 -3.36 4.62 -4.94
N SER A 109 -3.36 4.62 -4.94
N SER A 109 -3.32 4.60 -4.98
N SER A 109 -3.32 4.60 -4.98
CA SER A 109 -4.21 4.90 -3.78
CA SER A 109 -4.21 4.90 -3.78
CA SER A 109 -3.99 4.67 -3.70
CA SER A 109 -3.99 4.67 -3.70
C SER A 109 -5.49 5.65 -4.13
C SER A 109 -5.49 5.65 -4.13
C SER A 109 -5.20 5.59 -3.75
C SER A 109 -5.20 5.59 -3.75
N SER A 110 -6.58 5.35 -3.44
N SER A 110 -6.58 5.35 -3.44
N SER A 110 -6.15 5.25 -2.90
N SER A 110 -6.15 5.25 -2.90
CA SER A 110 -7.77 6.23 -3.52
CA SER A 110 -7.77 6.23 -3.52
CA SER A 110 -7.13 6.22 -2.45
CA SER A 110 -7.13 6.22 -2.45
C SER A 110 -7.49 7.64 -2.92
C SER A 110 -7.49 7.64 -2.92
C SER A 110 -6.35 7.37 -1.81
C SER A 110 -6.35 7.37 -1.81
N TRP A 111 -6.47 7.77 -2.05
N TRP A 111 -6.47 7.77 -2.05
N TRP A 111 -6.94 8.55 -1.86
N TRP A 111 -6.94 8.55 -1.86
CA TRP A 111 -6.14 9.04 -1.36
CA TRP A 111 -6.14 9.04 -1.36
CA TRP A 111 -6.30 9.74 -1.33
CA TRP A 111 -6.30 9.74 -1.33
C TRP A 111 -4.89 9.72 -1.98
C TRP A 111 -4.89 9.72 -1.98
C TRP A 111 -4.93 9.99 -2.00
C TRP A 111 -4.93 9.99 -2.00
N ALA A 112 -4.84 9.68 -3.30
CA ALA A 112 -3.72 10.14 -4.07
C ALA A 112 -3.81 11.66 -4.28
N THR A 113 -2.63 12.29 -4.28
N THR A 113 -2.63 12.29 -4.28
N THR A 113 -2.66 12.29 -4.48
N THR A 113 -2.66 12.29 -4.48
CA THR A 113 -2.45 13.71 -4.60
CA THR A 113 -2.45 13.71 -4.60
CA THR A 113 -2.58 13.70 -4.93
CA THR A 113 -2.58 13.70 -4.93
C THR A 113 -2.32 13.95 -6.12
C THR A 113 -2.32 13.95 -6.12
C THR A 113 -2.66 13.93 -6.45
C THR A 113 -2.66 13.93 -6.45
N SER A 114 -2.79 12.98 -6.91
N SER A 114 -2.79 12.98 -6.91
N SER A 114 -2.77 12.86 -7.24
N SER A 114 -2.77 12.86 -7.24
CA SER A 114 -2.89 13.02 -8.37
CA SER A 114 -2.89 13.02 -8.37
CA SER A 114 -3.01 12.94 -8.68
CA SER A 114 -3.01 12.94 -8.68
C SER A 114 -4.09 12.16 -8.82
C SER A 114 -4.09 12.16 -8.82
C SER A 114 -4.30 12.20 -9.01
C SER A 114 -4.30 12.20 -9.01
N SER A 115 -4.80 12.57 -9.88
N SER A 115 -4.80 12.57 -9.88
N SER A 115 -5.02 12.67 -10.02
N SER A 115 -5.02 12.67 -10.02
CA SER A 115 -6.04 11.88 -10.28
CA SER A 115 -6.04 11.88 -10.28
CA SER A 115 -6.27 12.02 -10.42
CA SER A 115 -6.27 12.02 -10.42
C SER A 115 -5.84 10.57 -11.06
C SER A 115 -5.84 10.57 -11.06
C SER A 115 -5.96 10.69 -11.10
C SER A 115 -5.96 10.69 -11.10
N ILE A 116 -6.87 9.72 -11.03
N ILE A 116 -6.87 9.72 -11.03
N ILE A 116 -7.00 9.87 -11.21
N ILE A 116 -7.00 9.87 -11.21
CA ILE A 116 -6.90 8.49 -11.85
CA ILE A 116 -6.90 8.49 -11.85
CA ILE A 116 -6.93 8.57 -11.88
CA ILE A 116 -6.93 8.57 -11.88
C ILE A 116 -6.53 8.77 -13.34
C ILE A 116 -6.53 8.77 -13.34
C ILE A 116 -6.50 8.80 -13.34
C ILE A 116 -6.50 8.80 -13.34
N GLU A 117 -6.97 9.91 -13.85
N GLU A 117 -6.97 9.91 -13.85
N GLU A 117 -7.36 9.50 -14.09
N GLU A 117 -7.36 9.50 -14.09
CA GLU A 117 -6.66 10.30 -15.23
CA GLU A 117 -6.66 10.30 -15.23
CA GLU A 117 -7.07 9.92 -15.49
CA GLU A 117 -7.07 9.92 -15.49
C GLU A 117 -5.25 10.88 -15.37
C GLU A 117 -5.25 10.88 -15.37
C GLU A 117 -5.61 10.37 -15.69
C GLU A 117 -5.61 10.37 -15.69
N GLU A 118 -4.82 11.74 -14.45
N GLU A 118 -4.82 11.74 -14.45
N GLU A 118 -5.15 11.27 -14.83
N GLU A 118 -5.15 11.27 -14.83
CA GLU A 118 -3.45 12.27 -14.48
CA GLU A 118 -3.45 12.27 -14.48
CA GLU A 118 -3.80 11.87 -14.94
CA GLU A 118 -3.80 11.87 -14.94
C GLU A 118 -2.41 11.12 -14.48
C GLU A 118 -2.41 11.12 -14.48
C GLU A 118 -2.67 10.86 -14.79
C GLU A 118 -2.67 10.86 -14.79
N VAL A 119 -2.68 10.08 -13.70
CA VAL A 119 -1.74 8.95 -13.58
C VAL A 119 -1.76 8.06 -14.83
N ALA A 120 -2.91 7.78 -15.43
CA ALA A 120 -3.02 7.00 -16.70
C ALA A 120 -2.33 7.73 -17.87
N GLU A 121 -2.48 9.06 -17.89
CA GLU A 121 -1.82 9.93 -18.90
C GLU A 121 -0.29 9.98 -18.75
N ALA A 122 0.24 10.00 -17.51
CA ALA A 122 1.69 9.98 -17.28
C ALA A 122 2.33 8.59 -17.56
N GLY A 123 1.55 7.51 -17.39
CA GLY A 123 2.04 6.14 -17.53
C GLY A 123 1.11 5.30 -18.35
N PRO A 124 0.86 5.71 -19.61
CA PRO A 124 -0.14 5.00 -20.43
C PRO A 124 0.21 3.53 -20.68
N GLU A 125 1.49 3.24 -20.84
CA GLU A 125 2.00 1.88 -21.03
C GLU A 125 2.26 1.10 -19.74
N ALA A 126 2.20 1.73 -18.58
CA ALA A 126 2.46 1.05 -17.33
C ALA A 126 1.27 0.16 -16.94
N LEU A 127 1.53 -1.00 -16.34
CA LEU A 127 0.50 -1.79 -15.68
C LEU A 127 0.00 -1.09 -14.40
N ARG A 128 -1.32 -0.82 -14.32
CA ARG A 128 -1.86 0.06 -13.27
C ARG A 128 -3.07 -0.61 -12.71
N TRP A 129 -3.22 -0.56 -11.36
CA TRP A 129 -4.40 -1.02 -10.69
C TRP A 129 -4.91 0.07 -9.70
N LEU A 130 -6.21 0.04 -9.33
CA LEU A 130 -6.77 0.99 -8.38
C LEU A 130 -7.00 0.33 -7.03
N GLN A 131 -6.45 0.95 -5.98
CA GLN A 131 -6.87 0.59 -4.59
C GLN A 131 -8.11 1.40 -4.22
N LEU A 132 -9.16 0.68 -3.84
N LEU A 132 -9.16 0.68 -3.84
N LEU A 132 -9.09 0.70 -3.63
N LEU A 132 -9.09 0.70 -3.63
CA LEU A 132 -10.46 1.28 -3.54
CA LEU A 132 -10.46 1.28 -3.54
CA LEU A 132 -10.41 1.24 -3.40
CA LEU A 132 -10.41 1.24 -3.40
C LEU A 132 -10.73 1.25 -2.05
C LEU A 132 -10.73 1.25 -2.05
C LEU A 132 -10.98 0.86 -2.02
C LEU A 132 -10.98 0.86 -2.02
N TYR A 133 -11.17 2.37 -1.52
N TYR A 133 -11.17 2.37 -1.52
N TYR A 133 -11.71 1.80 -1.43
N TYR A 133 -11.71 1.80 -1.43
CA TYR A 133 -11.91 2.39 -0.26
CA TYR A 133 -11.91 2.39 -0.26
CA TYR A 133 -12.59 1.53 -0.29
CA TYR A 133 -12.59 1.53 -0.29
C TYR A 133 -13.40 2.51 -0.57
C TYR A 133 -13.40 2.51 -0.57
C TYR A 133 -14.02 1.62 -0.79
C TYR A 133 -14.02 1.62 -0.79
N ILE A 134 -14.23 1.83 0.22
N ILE A 134 -14.23 1.83 0.22
N ILE A 134 -14.91 0.84 -0.16
N ILE A 134 -14.91 0.84 -0.16
CA ILE A 134 -15.68 1.96 0.13
CA ILE A 134 -15.68 1.96 0.13
CA ILE A 134 -16.35 1.02 -0.38
CA ILE A 134 -16.35 1.02 -0.38
C ILE A 134 -16.14 3.17 0.96
C ILE A 134 -16.14 3.17 0.96
C ILE A 134 -16.82 2.16 0.55
C ILE A 134 -16.82 2.16 0.55
N TYR A 135 -16.47 4.25 0.25
N TYR A 135 -16.47 4.25 0.25
N TYR A 135 -16.98 3.35 -0.05
N TYR A 135 -16.98 3.35 -0.05
CA TYR A 135 -16.96 5.49 0.85
CA TYR A 135 -16.96 5.49 0.85
CA TYR A 135 -17.32 4.54 0.72
CA TYR A 135 -17.32 4.54 0.72
C TYR A 135 -18.44 5.30 1.25
C TYR A 135 -18.44 5.30 1.25
C TYR A 135 -18.80 4.51 1.10
C TYR A 135 -18.80 4.51 1.10
N LYS A 136 -18.87 6.01 2.28
N LYS A 136 -18.87 6.01 2.28
N LYS A 136 -19.13 5.25 2.15
N LYS A 136 -19.13 5.25 2.15
CA LYS A 136 -20.31 5.98 2.67
CA LYS A 136 -20.31 5.98 2.67
CA LYS A 136 -20.54 5.51 2.46
CA LYS A 136 -20.54 5.51 2.46
C LYS A 136 -21.20 6.30 1.46
C LYS A 136 -21.20 6.30 1.46
C LYS A 136 -21.24 6.09 1.23
C LYS A 136 -21.24 6.09 1.23
N ASP A 137 -20.66 7.12 0.59
CA ASP A 137 -21.25 7.58 -0.70
C ASP A 137 -20.88 6.54 -1.77
N ARG A 138 -21.81 5.66 -2.07
CA ARG A 138 -21.67 4.58 -3.07
C ARG A 138 -21.62 5.14 -4.47
N GLU A 139 -22.15 6.34 -4.67
CA GLU A 139 -22.07 6.93 -6.01
C GLU A 139 -20.64 7.33 -6.33
N VAL A 140 -19.94 7.97 -5.36
CA VAL A 140 -18.46 8.31 -5.39
C VAL A 140 -17.71 7.01 -5.69
N THR A 141 -18.05 5.95 -4.97
CA THR A 141 -17.34 4.67 -5.10
C THR A 141 -17.49 4.09 -6.52
N LYS A 142 -18.71 4.02 -7.04
CA LYS A 142 -18.97 3.62 -8.41
C LYS A 142 -18.15 4.47 -9.43
N LYS A 143 -18.10 5.78 -9.24
CA LYS A 143 -17.42 6.70 -10.20
C LYS A 143 -15.94 6.32 -10.28
N LEU A 144 -15.33 6.03 -9.13
CA LEU A 144 -13.90 5.64 -9.07
C LEU A 144 -13.66 4.37 -9.83
N VAL A 145 -14.53 3.35 -9.66
CA VAL A 145 -14.45 2.08 -10.37
C VAL A 145 -14.60 2.31 -11.88
N ARG A 146 -15.63 3.07 -12.25
CA ARG A 146 -15.87 3.39 -13.66
C ARG A 146 -14.72 4.16 -14.29
N GLN A 147 -14.12 5.10 -13.58
CA GLN A 147 -12.93 5.76 -14.08
C GLN A 147 -11.74 4.80 -14.25
N ALA A 148 -11.57 3.87 -13.31
CA ALA A 148 -10.49 2.88 -13.40
C ALA A 148 -10.66 2.10 -14.68
N GLU A 149 -11.87 1.60 -14.96
CA GLU A 149 -12.20 0.85 -16.17
C GLU A 149 -11.89 1.65 -17.44
N LYS A 150 -12.41 2.89 -17.49
CA LYS A 150 -12.27 3.75 -18.70
C LYS A 150 -10.82 4.09 -18.97
N MET A 151 -10.03 4.25 -17.90
CA MET A 151 -8.63 4.69 -18.03
C MET A 151 -7.59 3.54 -18.07
N GLY A 152 -8.03 2.32 -18.29
CA GLY A 152 -7.13 1.23 -18.58
C GLY A 152 -6.44 0.62 -17.37
N TYR A 153 -7.04 0.79 -16.21
CA TYR A 153 -6.57 0.03 -15.03
C TYR A 153 -7.04 -1.40 -15.12
N LYS A 154 -6.25 -2.33 -14.60
CA LYS A 154 -6.47 -3.73 -14.81
C LYS A 154 -7.01 -4.56 -13.67
N ALA A 155 -7.13 -3.99 -12.47
CA ALA A 155 -7.76 -4.67 -11.37
C ALA A 155 -8.12 -3.61 -10.31
N ILE A 156 -8.97 -4.02 -9.37
CA ILE A 156 -9.41 -3.24 -8.20
C ILE A 156 -8.85 -3.98 -7.00
N PHE A 157 -8.10 -3.30 -6.13
CA PHE A 157 -7.68 -3.88 -4.84
C PHE A 157 -8.57 -3.23 -3.78
N VAL A 158 -9.55 -3.97 -3.29
CA VAL A 158 -10.45 -3.40 -2.28
C VAL A 158 -9.87 -3.60 -0.89
N THR A 159 -9.64 -2.50 -0.20
CA THR A 159 -9.08 -2.56 1.16
C THR A 159 -10.18 -2.88 2.14
N VAL A 160 -9.94 -3.96 2.91
CA VAL A 160 -10.99 -4.47 3.82
C VAL A 160 -10.68 -4.43 5.31
N ASP A 161 -9.56 -3.78 5.66
CA ASP A 161 -9.12 -3.73 7.06
C ASP A 161 -9.26 -2.37 7.72
N THR A 162 -10.03 -1.47 7.10
CA THR A 162 -10.07 -0.06 7.54
C THR A 162 -11.52 0.42 7.72
N PRO A 163 -12.33 -0.22 8.57
CA PRO A 163 -13.63 0.40 8.90
C PRO A 163 -13.48 1.75 9.58
N TYR A 164 -12.41 1.92 10.34
CA TYR A 164 -11.93 3.17 10.94
C TYR A 164 -10.43 3.18 10.72
N LEU A 165 -9.81 4.36 10.79
N LEU A 165 -9.81 4.36 10.79
N LEU A 165 -9.82 4.36 10.80
N LEU A 165 -9.82 4.36 10.80
CA LEU A 165 -8.36 4.47 10.74
CA LEU A 165 -8.36 4.47 10.74
CA LEU A 165 -8.38 4.51 10.72
CA LEU A 165 -8.38 4.51 10.72
C LEU A 165 -7.69 4.03 12.03
C LEU A 165 -7.69 4.03 12.03
C LEU A 165 -7.70 4.04 12.02
C LEU A 165 -7.70 4.04 12.02
N GLY A 166 -6.52 3.40 11.91
CA GLY A 166 -5.71 3.12 13.06
C GLY A 166 -5.21 4.35 13.78
N ASN A 167 -4.75 4.18 15.02
N ASN A 167 -4.75 4.18 15.02
N ASN A 167 -4.90 4.19 15.06
N ASN A 167 -4.90 4.19 15.06
CA ASN A 167 -4.28 5.26 15.87
CA ASN A 167 -4.28 5.26 15.87
CA ASN A 167 -4.51 5.30 15.91
CA ASN A 167 -4.51 5.30 15.91
C ASN A 167 -2.75 5.32 15.80
C ASN A 167 -2.75 5.32 15.80
C ASN A 167 -3.01 5.43 15.80
C ASN A 167 -3.01 5.43 15.80
N ARG A 168 -2.23 6.22 14.95
N ARG A 168 -2.23 6.22 14.95
N ARG A 168 -2.59 6.28 14.85
N ARG A 168 -2.59 6.28 14.85
CA ARG A 168 -0.78 6.45 14.82
CA ARG A 168 -0.78 6.45 14.82
CA ARG A 168 -1.19 6.56 14.61
CA ARG A 168 -1.19 6.56 14.61
C ARG A 168 -0.39 7.64 15.70
C ARG A 168 -0.39 7.64 15.70
C ARG A 168 -0.85 7.85 15.36
C ARG A 168 -0.85 7.85 15.36
N LEU A 169 0.35 7.37 16.77
N LEU A 169 0.35 7.37 16.77
N LEU A 169 -0.12 7.67 16.46
N LEU A 169 -0.12 7.67 16.46
CA LEU A 169 0.54 8.34 17.83
CA LEU A 169 0.54 8.34 17.83
CA LEU A 169 0.00 8.69 17.48
CA LEU A 169 0.00 8.69 17.48
C LEU A 169 1.24 9.64 17.37
C LEU A 169 1.24 9.64 17.37
C LEU A 169 0.84 9.89 17.04
C LEU A 169 0.84 9.89 17.04
N ASP A 170 2.25 9.54 16.52
N ASP A 170 2.25 9.54 16.52
N ASP A 170 1.96 9.64 16.37
N ASP A 170 1.96 9.64 16.37
CA ASP A 170 2.92 10.75 16.00
CA ASP A 170 2.92 10.75 16.00
CA ASP A 170 2.91 10.72 15.98
CA ASP A 170 2.91 10.72 15.98
C ASP A 170 1.97 11.67 15.23
C ASP A 170 1.97 11.67 15.23
C ASP A 170 2.26 11.85 15.17
C ASP A 170 2.26 11.85 15.17
N ASP A 171 1.05 11.11 14.44
N ASP A 171 1.05 11.11 14.44
N ASP A 171 1.27 11.54 14.35
N ASP A 171 1.27 11.54 14.35
CA ASP A 171 0.07 11.93 13.68
CA ASP A 171 0.07 11.93 13.68
CA ASP A 171 0.51 12.58 13.63
CA ASP A 171 0.51 12.58 13.63
C ASP A 171 -0.85 12.72 14.61
C ASP A 171 -0.85 12.72 14.61
C ASP A 171 -0.19 13.57 14.57
C ASP A 171 -0.19 13.57 14.57
N VAL A 172 -1.22 12.11 15.74
N VAL A 172 -1.22 12.11 15.74
N VAL A 172 -0.61 13.07 15.75
N VAL A 172 -0.61 13.07 15.75
CA VAL A 172 -2.00 12.79 16.76
CA VAL A 172 -2.00 12.79 16.76
CA VAL A 172 -1.24 13.89 16.79
CA VAL A 172 -1.24 13.89 16.79
C VAL A 172 -1.16 13.92 17.39
C VAL A 172 -1.16 13.92 17.39
C VAL A 172 -0.17 14.68 17.56
C VAL A 172 -0.17 14.68 17.56
N ARG A 173 0.08 13.63 17.78
N ARG A 173 0.08 13.63 17.78
N ARG A 173 0.90 13.99 17.96
N ARG A 173 0.90 13.99 17.96
CA ARG A 173 0.97 14.64 18.40
CA ARG A 173 0.97 14.64 18.40
CA ARG A 173 2.07 14.63 18.60
CA ARG A 173 2.07 14.63 18.60
C ARG A 173 1.25 15.80 17.43
C ARG A 173 1.25 15.80 17.43
C ARG A 173 2.62 15.81 17.77
C ARG A 173 2.62 15.81 17.77
N ASN A 174 1.51 15.46 16.17
N ASN A 174 1.51 15.46 16.17
N ASN A 174 2.68 15.62 16.46
N ASN A 174 2.68 15.62 16.46
CA ASN A 174 1.80 16.47 15.14
CA ASN A 174 1.80 16.47 15.14
CA ASN A 174 3.28 16.61 15.56
CA ASN A 174 3.28 16.61 15.56
C ASN A 174 0.54 17.15 14.54
C ASN A 174 0.54 17.15 14.54
C ASN A 174 2.33 17.71 15.09
C ASN A 174 2.33 17.71 15.09
N ARG A 175 -0.66 16.68 14.89
N ARG A 175 -0.66 16.68 14.89
N ARG A 175 1.06 17.63 15.48
N ARG A 175 1.06 17.63 15.48
CA ARG A 175 -1.93 17.08 14.24
CA ARG A 175 -1.93 17.08 14.24
CA ARG A 175 0.03 18.59 15.08
CA ARG A 175 0.03 18.59 15.08
C ARG A 175 -1.84 17.03 12.71
C ARG A 175 -1.84 17.03 12.71
C ARG A 175 -0.24 18.55 13.57
C ARG A 175 -0.24 18.55 13.57
N PHE A 176 -1.66 15.82 12.21
N PHE A 176 -1.66 15.82 12.21
N PHE A 176 -0.09 17.37 12.98
N PHE A 176 -0.09 17.37 12.98
CA PHE A 176 -1.27 15.65 10.81
CA PHE A 176 -1.27 15.65 10.81
CA PHE A 176 -0.29 17.15 11.55
CA PHE A 176 -0.29 17.15 11.55
C PHE A 176 -2.36 16.18 9.87
C PHE A 176 -2.36 16.18 9.87
C PHE A 176 -1.75 16.83 11.29
C PHE A 176 -1.75 16.83 11.29
N LYS A 177 -1.92 16.87 8.82
N LYS A 177 -1.92 16.87 8.82
CA LYS A 177 -2.77 17.32 7.71
CA LYS A 177 -2.77 17.32 7.71
C LYS A 177 -1.88 17.55 6.49
C LYS A 177 -1.88 17.55 6.49
N LEU A 178 -2.52 17.72 5.33
N LEU A 178 -2.52 17.72 5.33
CA LEU A 178 -1.78 17.99 4.09
CA LEU A 178 -1.78 17.99 4.09
C LEU A 178 -1.16 19.39 4.14
C LEU A 178 -1.16 19.39 4.14
N PRO A 179 0.04 19.57 3.54
N PRO A 179 0.04 19.57 3.54
CA PRO A 179 0.53 20.92 3.26
CA PRO A 179 0.53 20.92 3.26
C PRO A 179 -0.51 21.73 2.47
C PRO A 179 -0.51 21.73 2.47
N PRO A 180 -0.50 23.08 2.61
N PRO A 180 -0.50 23.08 2.61
CA PRO A 180 -1.63 23.92 2.14
CA PRO A 180 -1.63 23.92 2.14
C PRO A 180 -2.01 23.81 0.65
C PRO A 180 -2.01 23.81 0.65
N GLN A 181 -1.03 23.66 -0.24
N GLN A 181 -1.03 23.66 -0.24
CA GLN A 181 -1.31 23.65 -1.69
CA GLN A 181 -1.31 23.65 -1.69
C GLN A 181 -1.85 22.30 -2.23
C GLN A 181 -1.85 22.30 -2.23
N LEU A 182 -1.76 21.23 -1.45
N LEU A 182 -1.76 21.23 -1.45
CA LEU A 182 -2.09 19.87 -1.92
CA LEU A 182 -2.09 19.87 -1.92
C LEU A 182 -3.51 19.46 -1.56
C LEU A 182 -3.51 19.46 -1.56
N ARG A 183 -4.05 18.51 -2.33
N ARG A 183 -4.05 18.51 -2.33
CA ARG A 183 -5.39 17.95 -2.12
CA ARG A 183 -5.39 17.95 -2.12
C ARG A 183 -5.41 16.47 -2.50
C ARG A 183 -5.41 16.47 -2.50
N MET A 184 -6.38 15.71 -1.99
N MET A 184 -6.38 15.71 -1.99
CA MET A 184 -6.67 14.39 -2.53
CA MET A 184 -6.67 14.39 -2.53
C MET A 184 -7.45 14.61 -3.81
C MET A 184 -7.45 14.61 -3.81
N LYS A 185 -6.79 14.36 -4.93
N LYS A 185 -6.79 14.36 -4.93
CA LYS A 185 -7.25 14.89 -6.23
CA LYS A 185 -7.25 14.89 -6.23
C LYS A 185 -8.35 14.14 -6.95
C LYS A 185 -8.35 14.14 -6.95
N ASN A 186 -8.93 13.09 -6.35
N ASN A 186 -8.93 13.09 -6.35
CA ASN A 186 -10.01 12.34 -7.02
CA ASN A 186 -10.01 12.34 -7.02
C ASN A 186 -11.42 12.68 -6.55
C ASN A 186 -11.42 12.68 -6.55
N PHE A 187 -11.54 13.77 -5.78
N PHE A 187 -11.54 13.77 -5.78
CA PHE A 187 -12.80 14.19 -5.17
CA PHE A 187 -12.80 14.19 -5.17
C PHE A 187 -12.96 15.70 -5.36
C PHE A 187 -12.96 15.70 -5.36
N ASP A 203 -6.89 16.31 16.76
N ASP A 203 -6.89 16.31 16.76
CA ASP A 203 -6.09 15.08 16.74
CA ASP A 203 -6.09 15.08 16.74
C ASP A 203 -5.50 14.85 15.34
C ASP A 203 -5.50 14.85 15.34
N SER A 204 -5.43 13.60 14.87
N SER A 204 -5.43 13.60 14.87
CA SER A 204 -5.00 13.36 13.49
CA SER A 204 -5.00 13.36 13.49
C SER A 204 -6.08 13.79 12.54
C SER A 204 -6.08 13.79 12.54
N GLY A 205 -5.74 14.67 11.59
N GLY A 205 -5.74 14.67 11.59
N GLY A 205 -6.79 18.99 7.58
N GLY A 205 -6.79 18.99 7.58
CA GLY A 205 -6.67 15.06 10.54
CA GLY A 205 -6.67 15.06 10.54
CA GLY A 205 -8.15 18.48 7.77
CA GLY A 205 -8.15 18.48 7.77
C GLY A 205 -7.10 13.89 9.69
C GLY A 205 -7.10 13.89 9.69
C GLY A 205 -8.51 17.20 7.02
C GLY A 205 -8.51 17.20 7.02
N LEU A 206 -6.21 12.92 9.47
N LEU A 206 -6.21 12.92 9.47
N LEU A 206 -7.61 16.70 6.16
N LEU A 206 -7.61 16.70 6.16
CA LEU A 206 -6.57 11.78 8.60
CA LEU A 206 -6.57 11.78 8.60
CA LEU A 206 -7.93 15.54 5.31
CA LEU A 206 -7.93 15.54 5.31
C LEU A 206 -7.59 10.86 9.29
C LEU A 206 -7.59 10.86 9.29
C LEU A 206 -8.26 14.28 6.10
C LEU A 206 -8.26 14.28 6.10
N ALA A 207 -7.41 10.62 10.59
N ALA A 207 -7.41 10.62 10.59
N ALA A 207 -7.56 14.05 7.21
N ALA A 207 -7.56 14.05 7.21
CA ALA A 207 -8.39 9.82 11.34
CA ALA A 207 -8.39 9.82 11.34
CA ALA A 207 -7.82 12.88 8.06
CA ALA A 207 -7.82 12.88 8.06
C ALA A 207 -9.77 10.47 11.29
C ALA A 207 -9.77 10.47 11.29
C ALA A 207 -9.23 12.88 8.63
C ALA A 207 -9.23 12.88 8.63
N ALA A 208 -9.84 11.78 11.48
N ALA A 208 -9.84 11.78 11.48
N ALA A 208 -9.73 14.06 9.02
N ALA A 208 -9.73 14.06 9.02
CA ALA A 208 -11.11 12.52 11.36
CA ALA A 208 -11.11 12.52 11.36
CA ALA A 208 -11.11 14.18 9.48
CA ALA A 208 -11.11 14.18 9.48
C ALA A 208 -11.74 12.43 9.96
C ALA A 208 -11.74 12.43 9.96
C ALA A 208 -12.11 13.88 8.36
C ALA A 208 -12.11 13.88 8.36
N TYR A 209 -10.90 12.55 8.93
N TYR A 209 -10.90 12.55 8.93
N TYR A 209 -11.82 14.33 7.12
N TYR A 209 -11.82 14.33 7.12
CA TYR A 209 -11.33 12.39 7.53
CA TYR A 209 -11.33 12.39 7.53
CA TYR A 209 -12.69 14.04 5.98
CA TYR A 209 -12.69 14.04 5.98
C TYR A 209 -11.95 11.04 7.30
C TYR A 209 -11.95 11.04 7.30
C TYR A 209 -12.76 12.55 5.65
C TYR A 209 -12.76 12.55 5.65
N VAL A 210 -11.27 9.97 7.74
N VAL A 210 -11.27 9.97 7.74
N VAL A 210 -11.59 11.89 5.61
N VAL A 210 -11.59 11.89 5.61
CA VAL A 210 -11.79 8.61 7.60
CA VAL A 210 -11.80 8.61 7.60
CA VAL A 210 -11.54 10.44 5.34
CA VAL A 210 -11.54 10.44 5.34
C VAL A 210 -13.16 8.48 8.26
C VAL A 210 -13.16 8.48 8.26
C VAL A 210 -12.37 9.66 6.36
C VAL A 210 -12.37 9.66 6.36
N ALA A 211 -13.27 8.96 9.49
N ALA A 211 -13.27 8.96 9.49
N ALA A 211 -12.20 9.98 7.64
N ALA A 211 -12.20 9.98 7.64
CA ALA A 211 -14.53 8.93 10.24
CA ALA A 211 -14.53 8.93 10.24
CA ALA A 211 -12.95 9.35 8.72
CA ALA A 211 -12.95 9.35 8.72
C ALA A 211 -15.68 9.59 9.48
C ALA A 211 -15.68 9.59 9.48
C ALA A 211 -14.46 9.47 8.52
C ALA A 211 -14.46 9.47 8.52
N LYS A 212 -15.38 10.70 8.81
N LYS A 212 -15.38 10.70 8.81
N LYS A 212 -14.91 10.62 8.03
N LYS A 212 -14.91 10.62 8.03
CA LYS A 212 -16.40 11.41 8.03
CA LYS A 212 -16.40 11.41 8.03
CA LYS A 212 -16.32 10.81 7.67
CA LYS A 212 -16.32 10.81 7.67
C LYS A 212 -16.74 10.76 6.69
C LYS A 212 -16.74 10.76 6.69
C LYS A 212 -16.73 10.06 6.38
C LYS A 212 -16.73 10.06 6.38
N ALA A 213 -15.75 10.14 6.02
N ALA A 213 -15.75 10.14 6.02
N ALA A 213 -15.80 9.91 5.43
N ALA A 213 -15.80 9.91 5.43
CA ALA A 213 -15.88 9.68 4.63
CA ALA A 213 -15.88 9.68 4.63
CA ALA A 213 -16.08 9.20 4.15
CA ALA A 213 -16.08 9.20 4.15
C ALA A 213 -16.05 8.18 4.41
C ALA A 213 -16.05 8.18 4.41
C ALA A 213 -16.12 7.69 4.23
C ALA A 213 -16.12 7.69 4.23
N ILE A 214 -15.40 7.36 5.24
N ILE A 214 -15.40 7.36 5.24
N ILE A 214 -15.21 7.10 5.00
N ILE A 214 -15.21 7.10 5.00
CA ILE A 214 -15.29 5.91 5.00
CA ILE A 214 -15.29 5.91 5.00
CA ILE A 214 -15.08 5.66 5.13
CA ILE A 214 -15.08 5.66 5.13
C ILE A 214 -16.32 5.13 5.85
C ILE A 214 -16.32 5.13 5.85
C ILE A 214 -16.27 5.06 5.88
C ILE A 214 -16.27 5.06 5.88
N ASP A 215 -16.90 4.08 5.26
CA ASP A 215 -18.07 3.36 5.85
C ASP A 215 -17.67 2.26 6.85
N PRO A 216 -17.99 2.44 8.14
CA PRO A 216 -17.65 1.36 9.09
C PRO A 216 -18.57 0.14 9.04
N SER A 217 -19.68 0.26 8.30
CA SER A 217 -20.62 -0.81 8.17
C SER A 217 -20.40 -1.89 7.12
N ILE A 218 -19.35 -1.75 6.33
N ILE A 218 -19.35 -1.75 6.33
N ILE A 218 -19.30 -1.77 6.38
N ILE A 218 -19.30 -1.77 6.38
CA ILE A 218 -19.24 -2.64 5.20
CA ILE A 218 -19.24 -2.64 5.20
CA ILE A 218 -19.05 -2.64 5.22
CA ILE A 218 -19.05 -2.64 5.22
C ILE A 218 -19.05 -4.10 5.61
C ILE A 218 -19.05 -4.10 5.61
C ILE A 218 -19.02 -4.12 5.63
C ILE A 218 -19.02 -4.12 5.63
N SER A 219 -19.68 -4.97 4.84
CA SER A 219 -19.80 -6.38 5.13
C SER A 219 -19.58 -7.13 3.85
N TRP A 220 -19.65 -8.44 3.96
CA TRP A 220 -19.57 -9.29 2.79
C TRP A 220 -20.67 -8.98 1.78
N GLU A 221 -21.80 -8.45 2.24
CA GLU A 221 -22.83 -8.05 1.28
C GLU A 221 -22.38 -6.95 0.32
N ASP A 222 -21.54 -6.03 0.80
CA ASP A 222 -20.93 -4.96 0.00
C ASP A 222 -19.89 -5.48 -1.00
N ILE A 223 -19.19 -6.56 -0.62
CA ILE A 223 -18.30 -7.26 -1.57
C ILE A 223 -19.14 -7.82 -2.70
N LYS A 224 -20.29 -8.45 -2.37
CA LYS A 224 -21.26 -8.91 -3.41
C LYS A 224 -21.61 -7.79 -4.36
N TRP A 225 -21.91 -6.62 -3.82
CA TRP A 225 -22.25 -5.43 -4.64
C TRP A 225 -21.09 -5.06 -5.58
N LEU A 226 -19.87 -5.02 -5.04
CA LEU A 226 -18.70 -4.64 -5.79
C LEU A 226 -18.42 -5.66 -6.92
N ARG A 227 -18.60 -6.95 -6.62
CA ARG A 227 -18.36 -8.06 -7.55
C ARG A 227 -19.34 -7.95 -8.75
N ARG A 228 -20.53 -7.48 -8.49
CA ARG A 228 -21.55 -7.27 -9.54
C ARG A 228 -21.31 -5.98 -10.36
N LEU A 229 -20.73 -4.97 -9.73
CA LEU A 229 -20.48 -3.67 -10.31
C LEU A 229 -19.45 -3.70 -11.43
N THR A 230 -18.39 -4.50 -11.29
CA THR A 230 -17.34 -4.53 -12.29
C THR A 230 -16.95 -5.98 -12.68
N SER A 231 -16.57 -6.18 -13.92
CA SER A 231 -15.95 -7.41 -14.41
C SER A 231 -14.42 -7.43 -14.21
N LEU A 232 -13.80 -6.30 -13.81
CA LEU A 232 -12.35 -6.27 -13.54
C LEU A 232 -12.03 -7.28 -12.43
N PRO A 233 -10.82 -7.84 -12.48
CA PRO A 233 -10.36 -8.69 -11.34
C PRO A 233 -10.39 -7.85 -10.05
N ILE A 234 -10.78 -8.46 -8.95
CA ILE A 234 -10.87 -7.79 -7.63
C ILE A 234 -10.02 -8.63 -6.68
N VAL A 235 -9.13 -7.95 -5.93
CA VAL A 235 -8.27 -8.56 -4.91
C VAL A 235 -8.69 -7.94 -3.56
N ALA A 236 -8.87 -8.81 -2.59
CA ALA A 236 -9.17 -8.39 -1.20
C ALA A 236 -7.82 -8.10 -0.54
N LYS A 237 -7.65 -6.86 -0.10
CA LYS A 237 -6.41 -6.39 0.52
C LYS A 237 -6.62 -6.13 2.00
N GLY A 238 -5.80 -6.81 2.81
CA GLY A 238 -5.88 -6.72 4.26
C GLY A 238 -6.37 -7.92 5.01
N ILE A 239 -6.49 -9.06 4.34
CA ILE A 239 -6.89 -10.31 4.97
C ILE A 239 -5.72 -10.94 5.71
N LEU A 240 -6.01 -11.39 6.94
CA LEU A 240 -5.05 -12.02 7.85
C LEU A 240 -5.47 -13.41 8.38
N ARG A 241 -6.68 -13.90 8.06
CA ARG A 241 -7.21 -15.18 8.54
C ARG A 241 -7.58 -16.05 7.35
N GLY A 242 -7.30 -17.33 7.51
CA GLY A 242 -7.72 -18.31 6.49
C GLY A 242 -9.20 -18.39 6.23
N ASP A 243 -10.01 -18.25 7.29
CA ASP A 243 -11.49 -18.30 7.10
C ASP A 243 -11.98 -17.16 6.22
N ASP A 244 -11.44 -15.95 6.45
CA ASP A 244 -11.77 -14.79 5.63
C ASP A 244 -11.27 -14.94 4.16
N ALA A 245 -10.09 -15.52 3.97
CA ALA A 245 -9.61 -15.79 2.66
C ALA A 245 -10.56 -16.74 1.92
N ARG A 246 -11.03 -17.78 2.60
CA ARG A 246 -11.99 -18.71 1.96
C ARG A 246 -13.30 -18.01 1.58
N GLU A 247 -13.76 -17.11 2.43
CA GLU A 247 -14.96 -16.34 2.15
C GLU A 247 -14.76 -15.46 0.94
N ALA A 248 -13.58 -14.84 0.78
CA ALA A 248 -13.31 -14.02 -0.39
C ALA A 248 -13.39 -14.86 -1.71
N VAL A 249 -12.85 -16.05 -1.63
CA VAL A 249 -12.89 -16.95 -2.80
C VAL A 249 -14.37 -17.28 -3.11
N LYS A 250 -15.16 -17.55 -2.07
CA LYS A 250 -16.61 -17.85 -2.24
C LYS A 250 -17.40 -16.72 -2.89
N HIS A 251 -17.02 -15.47 -2.63
CA HIS A 251 -17.63 -14.29 -3.23
C HIS A 251 -17.13 -13.95 -4.64
N GLY A 252 -16.31 -14.83 -5.22
CA GLY A 252 -15.86 -14.64 -6.57
C GLY A 252 -14.72 -13.65 -6.76
N LEU A 253 -14.00 -13.33 -5.67
CA LEU A 253 -12.86 -12.47 -5.84
C LEU A 253 -11.69 -13.27 -6.44
N ASN A 254 -10.72 -12.53 -6.99
CA ASN A 254 -9.69 -13.09 -7.88
C ASN A 254 -8.29 -13.10 -7.29
N GLY A 255 -8.15 -12.70 -6.02
CA GLY A 255 -6.86 -12.77 -5.34
C GLY A 255 -6.97 -12.27 -3.93
N ILE A 256 -5.95 -12.53 -3.12
CA ILE A 256 -5.86 -12.06 -1.72
C ILE A 256 -4.53 -11.36 -1.59
N LEU A 257 -4.51 -10.13 -1.09
CA LEU A 257 -3.28 -9.45 -0.70
C LEU A 257 -3.17 -9.52 0.83
N VAL A 258 -2.34 -10.45 1.31
CA VAL A 258 -2.06 -10.65 2.73
C VAL A 258 -1.29 -9.39 3.17
N SER A 259 -1.91 -8.63 4.08
N SER A 259 -1.91 -8.63 4.08
N SER A 259 -1.90 -8.65 4.09
N SER A 259 -1.90 -8.65 4.09
CA SER A 259 -1.47 -7.28 4.44
CA SER A 259 -1.47 -7.28 4.44
CA SER A 259 -1.47 -7.29 4.44
CA SER A 259 -1.47 -7.29 4.44
C SER A 259 -2.02 -6.97 5.81
C SER A 259 -2.02 -6.97 5.81
C SER A 259 -2.02 -6.92 5.80
C SER A 259 -2.02 -6.92 5.80
N ASN A 260 -1.18 -6.32 6.62
N ASN A 260 -1.18 -6.32 6.62
N ASN A 260 -1.18 -6.28 6.61
N ASN A 260 -1.18 -6.28 6.61
CA ASN A 260 -1.62 -5.64 7.84
CA ASN A 260 -1.62 -5.64 7.84
CA ASN A 260 -1.63 -5.63 7.84
CA ASN A 260 -1.63 -5.63 7.84
C ASN A 260 -1.56 -4.12 7.69
C ASN A 260 -1.56 -4.12 7.69
C ASN A 260 -1.56 -4.10 7.69
C ASN A 260 -1.56 -4.10 7.69
N HIS A 261 -1.67 -3.63 6.45
N HIS A 261 -1.67 -3.63 6.45
N HIS A 261 -1.69 -3.62 6.45
N HIS A 261 -1.69 -3.62 6.45
CA HIS A 261 -1.78 -2.19 6.15
CA HIS A 261 -1.78 -2.19 6.15
CA HIS A 261 -1.78 -2.19 6.14
CA HIS A 261 -1.78 -2.19 6.14
C HIS A 261 -0.48 -1.48 6.60
C HIS A 261 -0.48 -1.48 6.60
C HIS A 261 -0.49 -1.45 6.53
C HIS A 261 -0.49 -1.45 6.53
N GLY A 262 0.65 -2.13 6.35
CA GLY A 262 1.94 -1.59 6.78
C GLY A 262 2.02 -1.36 8.30
N ALA A 263 1.32 -2.20 9.06
CA ALA A 263 1.28 -2.12 10.52
C ALA A 263 0.61 -0.86 11.04
N ARG A 264 -0.30 -0.27 10.27
N ARG A 264 -0.30 -0.27 10.27
N ARG A 264 -0.30 -0.28 10.25
N ARG A 264 -0.30 -0.28 10.25
CA ARG A 264 -0.86 1.03 10.59
CA ARG A 264 -0.86 1.03 10.59
CA ARG A 264 -0.93 1.04 10.50
CA ARG A 264 -0.93 1.04 10.50
C ARG A 264 -2.28 0.97 11.12
C ARG A 264 -2.28 0.97 11.12
C ARG A 264 -2.36 0.96 11.04
C ARG A 264 -2.36 0.96 11.04
N GLN A 265 -2.85 -0.24 11.22
N GLN A 265 -2.85 -0.24 11.22
N GLN A 265 -2.96 -0.23 11.08
N GLN A 265 -2.96 -0.23 11.08
CA GLN A 265 -4.26 -0.42 11.59
CA GLN A 265 -4.26 -0.42 11.59
CA GLN A 265 -4.37 -0.38 11.49
CA GLN A 265 -4.37 -0.38 11.49
C GLN A 265 -4.33 -1.05 13.00
C GLN A 265 -4.33 -1.05 13.00
C GLN A 265 -4.45 -0.94 12.91
C GLN A 265 -4.45 -0.94 12.91
N LEU A 266 -4.61 -2.35 13.10
N LEU A 266 -4.61 -2.35 13.10
N LEU A 266 -4.57 -2.26 13.08
N LEU A 266 -4.57 -2.26 13.08
CA LEU A 266 -4.61 -3.00 14.44
CA LEU A 266 -4.61 -3.00 14.44
CA LEU A 266 -4.59 -2.89 14.40
CA LEU A 266 -4.59 -2.89 14.40
C LEU A 266 -3.19 -3.39 14.80
C LEU A 266 -3.19 -3.39 14.80
C LEU A 266 -3.18 -3.34 14.78
C LEU A 266 -3.18 -3.34 14.78
N ASP A 267 -2.64 -2.84 15.89
CA ASP A 267 -1.32 -3.25 16.37
C ASP A 267 -1.41 -4.56 17.13
N GLY A 268 -0.39 -5.39 16.97
CA GLY A 268 -0.31 -6.70 17.58
C GLY A 268 -0.84 -7.83 16.76
N VAL A 269 -1.20 -7.56 15.53
CA VAL A 269 -1.39 -8.66 14.57
C VAL A 269 -0.03 -9.24 14.16
N PRO A 270 -0.03 -10.45 13.62
CA PRO A 270 1.26 -11.00 13.20
C PRO A 270 1.86 -10.31 11.98
N ALA A 271 3.12 -10.57 11.80
CA ALA A 271 3.81 -10.21 10.55
C ALA A 271 3.16 -10.90 9.39
N THR A 272 3.12 -10.23 8.23
CA THR A 272 2.49 -10.81 7.05
C THR A 272 3.21 -12.10 6.53
N ILE A 273 4.54 -12.15 6.64
CA ILE A 273 5.28 -13.34 6.22
C ILE A 273 4.91 -14.58 7.06
N ASP A 274 4.55 -14.34 8.33
CA ASP A 274 4.12 -15.41 9.19
C ASP A 274 2.72 -15.92 8.94
N VAL A 275 1.80 -15.08 8.47
CA VAL A 275 0.43 -15.57 8.19
C VAL A 275 0.28 -16.06 6.77
N LEU A 276 1.22 -15.71 5.86
CA LEU A 276 1.18 -16.10 4.44
C LEU A 276 0.91 -17.60 4.23
N PRO A 277 1.64 -18.49 4.94
CA PRO A 277 1.38 -19.93 4.64
C PRO A 277 -0.02 -20.38 4.97
N GLU A 278 -0.63 -19.80 5.99
CA GLU A 278 -2.03 -20.22 6.33
C GLU A 278 -2.97 -19.82 5.22
N ILE A 279 -2.75 -18.64 4.67
CA ILE A 279 -3.61 -18.11 3.63
C ILE A 279 -3.44 -18.89 2.31
N VAL A 280 -2.18 -19.13 1.94
CA VAL A 280 -1.91 -19.97 0.75
C VAL A 280 -2.58 -21.35 0.85
N GLU A 281 -2.50 -21.96 2.03
CA GLU A 281 -3.15 -23.25 2.23
C GLU A 281 -4.66 -23.14 2.10
N ALA A 282 -5.22 -22.08 2.69
CA ALA A 282 -6.68 -21.93 2.71
C ALA A 282 -7.33 -21.74 1.35
N VAL A 283 -6.66 -21.08 0.43
CA VAL A 283 -7.27 -20.81 -0.87
C VAL A 283 -7.11 -21.99 -1.89
N GLU A 284 -6.34 -22.99 -1.52
CA GLU A 284 -6.26 -24.27 -2.33
C GLU A 284 -5.98 -24.01 -3.82
N GLY A 285 -5.12 -23.04 -4.10
CA GLY A 285 -4.78 -22.72 -5.46
C GLY A 285 -5.83 -22.08 -6.35
N LYS A 286 -6.96 -21.64 -5.76
CA LYS A 286 -8.04 -21.11 -6.55
C LYS A 286 -7.82 -19.69 -7.02
N VAL A 287 -7.09 -18.89 -6.24
CA VAL A 287 -6.70 -17.52 -6.62
C VAL A 287 -5.23 -17.24 -6.21
N GLU A 288 -4.62 -16.28 -6.87
CA GLU A 288 -3.27 -15.78 -6.52
C GLU A 288 -3.29 -15.10 -5.13
N VAL A 289 -2.19 -15.32 -4.39
CA VAL A 289 -1.99 -14.71 -3.08
C VAL A 289 -0.73 -13.84 -3.17
N PHE A 290 -0.85 -12.58 -2.71
CA PHE A 290 0.21 -11.60 -2.68
C PHE A 290 0.57 -11.24 -1.25
N LEU A 291 1.69 -10.57 -1.06
CA LEU A 291 2.11 -10.07 0.26
C LEU A 291 2.61 -8.65 0.21
N ASP A 292 2.35 -7.87 1.25
CA ASP A 292 3.06 -6.62 1.55
C ASP A 292 3.30 -6.55 3.05
N GLY A 293 4.19 -5.64 3.45
CA GLY A 293 4.56 -5.41 4.84
C GLY A 293 5.98 -5.87 5.15
N GLY A 294 6.89 -4.91 5.19
CA GLY A 294 8.27 -5.20 5.59
C GLY A 294 9.21 -5.64 4.51
N VAL A 295 8.82 -5.59 3.24
CA VAL A 295 9.73 -5.99 2.17
C VAL A 295 10.75 -4.88 1.93
N ARG A 296 12.02 -5.19 2.17
CA ARG A 296 13.15 -4.22 2.03
C ARG A 296 14.30 -4.78 1.21
N LYS A 297 14.38 -6.10 1.04
CA LYS A 297 15.57 -6.79 0.46
C LYS A 297 15.14 -7.85 -0.50
N GLY A 298 16.05 -8.14 -1.46
CA GLY A 298 15.76 -9.24 -2.39
C GLY A 298 15.48 -10.58 -1.72
N THR A 299 16.16 -10.89 -0.61
CA THR A 299 15.85 -12.13 0.10
C THR A 299 14.44 -12.19 0.70
N ASP A 300 13.88 -11.02 1.00
CA ASP A 300 12.49 -10.99 1.50
C ASP A 300 11.51 -11.45 0.41
N VAL A 301 11.77 -10.96 -0.81
CA VAL A 301 10.96 -11.33 -1.95
C VAL A 301 11.08 -12.86 -2.16
N LEU A 302 12.33 -13.40 -2.12
CA LEU A 302 12.54 -14.82 -2.33
C LEU A 302 11.79 -15.68 -1.30
N LYS A 303 11.87 -15.25 -0.04
CA LYS A 303 11.14 -15.96 1.01
C LYS A 303 9.63 -15.97 0.80
N ALA A 304 9.06 -14.85 0.40
CA ALA A 304 7.64 -14.76 0.18
C ALA A 304 7.20 -15.67 -0.99
N LEU A 305 7.98 -15.72 -2.05
CA LEU A 305 7.66 -16.61 -3.19
C LEU A 305 7.82 -18.09 -2.79
N ALA A 306 8.82 -18.40 -1.99
CA ALA A 306 9.02 -19.82 -1.55
C ALA A 306 7.85 -20.28 -0.74
N LEU A 307 7.23 -19.36 0.00
CA LEU A 307 6.04 -19.68 0.82
C LEU A 307 4.76 -19.57 0.04
N GLY A 308 4.80 -19.27 -1.26
CA GLY A 308 3.61 -19.40 -2.09
C GLY A 308 3.00 -18.14 -2.63
N ALA A 309 3.51 -16.97 -2.26
CA ALA A 309 3.04 -15.72 -2.86
C ALA A 309 3.40 -15.65 -4.32
N LYS A 310 2.54 -15.08 -5.14
CA LYS A 310 2.90 -14.83 -6.55
C LYS A 310 3.81 -13.64 -6.75
N ALA A 311 3.60 -12.60 -5.92
CA ALA A 311 4.36 -11.37 -6.00
C ALA A 311 4.18 -10.61 -4.70
N VAL A 312 5.06 -9.66 -4.49
CA VAL A 312 5.00 -8.77 -3.30
C VAL A 312 4.85 -7.33 -3.72
N PHE A 313 4.32 -6.52 -2.81
CA PHE A 313 4.18 -5.08 -2.99
C PHE A 313 5.03 -4.35 -1.97
N VAL A 314 5.60 -3.22 -2.37
CA VAL A 314 6.39 -2.38 -1.52
C VAL A 314 5.69 -1.05 -1.33
N GLY A 315 5.64 -0.59 -0.08
CA GLY A 315 4.99 0.69 0.26
C GLY A 315 6.03 1.76 0.52
N ARG A 316 6.53 1.83 1.75
CA ARG A 316 7.41 2.92 2.20
C ARG A 316 8.66 3.11 1.31
N PRO A 317 9.32 2.01 0.86
CA PRO A 317 10.56 2.23 0.05
C PRO A 317 10.29 3.14 -1.15
N ILE A 318 9.11 3.09 -1.77
CA ILE A 318 8.80 3.93 -2.88
C ILE A 318 8.76 5.41 -2.49
N VAL A 319 8.15 5.68 -1.37
CA VAL A 319 8.07 7.07 -0.87
C VAL A 319 9.48 7.57 -0.58
N TRP A 320 10.36 6.75 -0.01
CA TRP A 320 11.74 7.18 0.20
C TRP A 320 12.47 7.46 -1.14
N GLY A 321 12.20 6.66 -2.18
CA GLY A 321 12.75 6.95 -3.53
C GLY A 321 12.30 8.33 -3.99
N LEU A 322 11.01 8.61 -3.84
CA LEU A 322 10.49 9.94 -4.25
C LEU A 322 11.22 11.05 -3.48
N ALA A 323 11.35 10.91 -2.19
CA ALA A 323 11.93 11.96 -1.33
C ALA A 323 13.38 12.25 -1.77
N PHE A 324 14.11 11.23 -2.23
CA PHE A 324 15.47 11.42 -2.78
C PHE A 324 15.49 12.16 -4.09
N GLN A 325 14.79 11.68 -5.09
CA GLN A 325 14.91 12.21 -6.48
C GLN A 325 13.75 11.94 -7.39
N GLY A 326 12.52 11.97 -6.84
CA GLY A 326 11.38 11.78 -7.64
C GLY A 326 11.39 10.52 -8.49
N GLU A 327 11.09 10.63 -9.78
CA GLU A 327 11.01 9.51 -10.68
C GLU A 327 12.31 8.69 -10.62
N LYS A 328 13.46 9.38 -10.75
CA LYS A 328 14.77 8.71 -10.71
C LYS A 328 14.99 7.97 -9.43
N GLY A 329 14.55 8.52 -8.29
CA GLY A 329 14.78 7.92 -6.97
C GLY A 329 13.86 6.66 -6.86
N VAL A 330 12.63 6.70 -7.35
CA VAL A 330 11.76 5.51 -7.40
C VAL A 330 12.40 4.41 -8.28
N GLN A 331 12.92 4.82 -9.45
CA GLN A 331 13.56 3.87 -10.36
C GLN A 331 14.75 3.25 -9.69
N ASP A 332 15.53 4.04 -8.97
CA ASP A 332 16.72 3.51 -8.29
C ASP A 332 16.30 2.41 -7.25
N VAL A 333 15.29 2.74 -6.44
CA VAL A 333 14.82 1.81 -5.40
C VAL A 333 14.37 0.49 -6.05
N LEU A 334 13.58 0.56 -7.10
CA LEU A 334 13.05 -0.63 -7.78
C LEU A 334 14.18 -1.43 -8.40
N GLU A 335 15.17 -0.71 -8.99
CA GLU A 335 16.40 -1.38 -9.53
C GLU A 335 17.23 -2.08 -8.49
N ILE A 336 17.39 -1.48 -7.32
CA ILE A 336 18.09 -2.14 -6.23
C ILE A 336 17.36 -3.42 -5.82
N LEU A 337 16.05 -3.37 -5.61
CA LEU A 337 15.25 -4.57 -5.25
C LEU A 337 15.37 -5.62 -6.33
N LYS A 338 15.29 -5.24 -7.61
CA LYS A 338 15.41 -6.17 -8.70
C LYS A 338 16.77 -6.88 -8.69
N GLU A 339 17.86 -6.14 -8.51
CA GLU A 339 19.17 -6.74 -8.49
C GLU A 339 19.42 -7.59 -7.27
N GLU A 340 18.95 -7.10 -6.10
CA GLU A 340 19.06 -8.00 -4.91
C GLU A 340 18.31 -9.31 -5.13
N PHE A 341 17.12 -9.25 -5.71
CA PHE A 341 16.30 -10.43 -5.95
C PHE A 341 17.01 -11.37 -6.94
N ARG A 342 17.53 -10.83 -8.04
CA ARG A 342 18.30 -11.62 -9.01
C ARG A 342 19.44 -12.36 -8.30
N LEU A 343 20.22 -11.65 -7.48
CA LEU A 343 21.32 -12.29 -6.80
C LEU A 343 20.84 -13.38 -5.87
N ALA A 344 19.78 -13.12 -5.11
CA ALA A 344 19.25 -14.09 -4.16
C ALA A 344 18.79 -15.33 -4.86
N MET A 345 18.10 -15.16 -6.01
CA MET A 345 17.67 -16.31 -6.83
C MET A 345 18.88 -17.11 -7.27
N ALA A 346 19.87 -16.42 -7.82
CA ALA A 346 21.06 -17.10 -8.36
C ALA A 346 21.81 -17.87 -7.28
N LEU A 347 22.05 -17.22 -6.13
CA LEU A 347 22.79 -17.87 -5.04
C LEU A 347 22.01 -19.05 -4.45
N SER A 348 20.69 -19.03 -4.57
N SER A 348 20.68 -19.04 -4.53
N SER A 348 20.69 -19.03 -4.57
N SER A 348 20.68 -19.04 -4.53
CA SER A 348 19.79 -20.10 -4.14
CA SER A 348 19.85 -20.17 -4.08
CA SER A 348 19.79 -20.10 -4.14
CA SER A 348 19.85 -20.17 -4.08
C SER A 348 19.59 -21.24 -5.13
C SER A 348 19.55 -21.23 -5.14
C SER A 348 19.59 -21.24 -5.13
C SER A 348 19.55 -21.23 -5.14
N GLY A 349 20.13 -21.07 -6.35
CA GLY A 349 20.02 -22.09 -7.37
C GLY A 349 18.79 -22.04 -8.22
N CYS A 350 18.15 -20.87 -8.27
CA CYS A 350 16.89 -20.70 -8.99
C CYS A 350 17.04 -19.93 -10.31
N GLN A 351 16.79 -20.59 -11.44
CA GLN A 351 16.90 -19.97 -12.78
C GLN A 351 15.73 -19.08 -13.13
N ASN A 352 14.59 -19.36 -12.53
CA ASN A 352 13.34 -18.63 -12.84
C ASN A 352 12.40 -18.73 -11.65
N VAL A 353 11.26 -18.04 -11.68
CA VAL A 353 10.41 -17.99 -10.49
C VAL A 353 9.62 -19.28 -10.28
N LYS A 354 9.46 -20.05 -11.37
CA LYS A 354 8.67 -21.29 -11.35
C LYS A 354 9.34 -22.40 -10.51
N VAL A 355 10.65 -22.29 -10.28
CA VAL A 355 11.37 -23.26 -9.52
C VAL A 355 11.74 -22.80 -8.12
N ILE A 356 11.15 -21.70 -7.63
CA ILE A 356 11.32 -21.26 -6.25
C ILE A 356 10.34 -22.03 -5.31
N ASP A 357 10.82 -23.08 -4.65
CA ASP A 357 9.95 -24.05 -3.96
C ASP A 357 10.04 -23.91 -2.45
N LYS A 358 9.14 -24.58 -1.74
CA LYS A 358 8.98 -24.50 -0.30
C LYS A 358 10.18 -25.03 0.46
N THR A 359 10.98 -25.92 -0.12
CA THR A 359 12.18 -26.43 0.62
C THR A 359 13.30 -25.41 0.74
N LEU A 360 13.18 -24.30 0.03
CA LEU A 360 14.15 -23.21 0.20
C LEU A 360 14.07 -22.49 1.54
N VAL A 361 12.99 -22.64 2.33
CA VAL A 361 12.91 -21.88 3.56
C VAL A 361 12.46 -22.76 4.70
N ARG A 362 12.92 -22.46 5.88
CA ARG A 362 12.43 -23.07 7.12
C ARG A 362 12.40 -22.06 8.24
N LYS A 363 11.36 -22.13 9.09
CA LYS A 363 11.16 -21.18 10.24
C LYS A 363 11.73 -21.63 11.58
C9A FNR B . -0.24 2.96 3.20
C9A FNR B . -0.24 2.96 3.20
C9A FNR B . -0.48 3.19 3.31
C9A FNR B . -0.48 3.19 3.31
N10 FNR B . -1.12 1.90 2.89
N10 FNR B . -1.12 1.90 2.89
N10 FNR B . -1.31 2.07 3.04
N10 FNR B . -1.31 2.07 3.04
CAA FNR B . -2.32 2.21 2.21
CAA FNR B . -2.32 2.21 2.21
CAA FNR B . -2.61 2.30 2.52
CAA FNR B . -2.61 2.30 2.52
N1 FNR B . -3.18 1.21 1.86
N1 FNR B . -3.18 1.21 1.86
N1 FNR B . -3.45 1.28 2.23
N1 FNR B . -3.45 1.28 2.23
C2 FNR B . -4.32 1.51 1.21
C2 FNR B . -4.32 1.51 1.21
C2 FNR B . -4.70 1.51 1.74
C2 FNR B . -4.70 1.51 1.74
O2 FNR B . -5.08 0.57 0.93
O2 FNR B . -5.08 0.57 0.92
O2 FNR B . -5.41 0.53 1.51
O2 FNR B . -5.41 0.53 1.51
N3 FNR B . -4.63 2.78 0.89
N3 FNR B . -4.63 2.78 0.89
N3 FNR B . -5.18 2.75 1.50
N3 FNR B . -5.18 2.75 1.50
C4 FNR B . -3.85 3.84 1.18
C4 FNR B . -3.85 3.84 1.18
C4 FNR B . -4.44 3.85 1.75
C4 FNR B . -4.44 3.85 1.75
O4 FNR B . -4.17 4.99 0.86
O4 FNR B . -4.18 4.99 0.87
O4 FNR B . -4.90 4.99 1.53
O4 FNR B . -4.90 4.99 1.53
C4A FNR B . -2.59 3.61 1.88
C4A FNR B . -2.59 3.61 1.88
C4A FNR B . -3.07 3.69 2.28
C4A FNR B . -3.07 3.69 2.28
N5 FNR B . -1.76 4.63 2.20
N5 FNR B . -1.76 4.63 2.20
N5 FNR B . -2.28 4.75 2.55
N5 FNR B . -2.28 4.75 2.55
C5A FNR B . -0.61 4.37 2.85
C5A FNR B . -0.61 4.37 2.85
C5A FNR B . -1.04 4.57 3.04
C5A FNR B . -1.04 4.57 3.04
C6 FNR B . 0.26 5.42 3.17
C6 FNR B . 0.26 5.42 3.17
C6 FNR B . -0.27 5.69 3.29
C6 FNR B . -0.27 5.69 3.29
C7 FNR B . 1.46 5.14 3.82
C7 FNR B . 1.46 5.14 3.82
C7 FNR B . 1.00 5.59 3.79
C7 FNR B . 1.00 5.59 3.79
C7M FNR B . 2.39 6.26 4.18
C7M FNR B . 2.39 6.26 4.18
C7M FNR B . 1.75 6.85 4.03
C7M FNR B . 1.75 6.85 4.03
C8 FNR B . 1.83 3.76 4.16
C8 FNR B . 1.83 3.76 4.16
C8 FNR B . 1.59 4.24 4.05
C8 FNR B . 1.59 4.24 4.05
C8M FNR B . 3.14 3.47 4.88
C8M FNR B . 3.14 3.47 4.88
C8M FNR B . 3.00 4.10 4.61
C8M FNR B . 3.00 4.10 4.61
C9 FNR B . 0.98 2.73 3.84
C9 FNR B . 0.98 2.73 3.84
C9 FNR B . 0.83 3.10 3.81
C9 FNR B . 0.83 3.10 3.81
C1' FNR B . -0.82 0.48 3.14
C1' FNR B . -0.82 0.48 3.14
C1' FNR B . -0.89 0.67 3.25
C1' FNR B . -0.89 0.67 3.25
C2' FNR B . 0.07 0.04 1.96
C2' FNR B . 0.07 0.04 1.96
C2' FNR B . -0.10 0.24 2.02
C2' FNR B . -0.10 0.24 2.02
O2' FNR B . -0.75 -0.26 0.81
O2' FNR B . -0.75 -0.26 0.81
O2' FNR B . -1.01 0.07 0.93
O2' FNR B . -1.01 0.07 0.93
C3' FNR B . 0.88 -1.21 2.21
C3' FNR B . 0.88 -1.21 2.21
C3' FNR B . 0.65 -1.07 2.24
C3' FNR B . 0.65 -1.07 2.24
O3' FNR B . -0.01 -2.22 2.75
O3' FNR B . -0.01 -2.22 2.75
O3' FNR B . -0.24 -2.02 2.88
O3' FNR B . -0.24 -2.02 2.88
C4' FNR B . 2.07 -1.01 3.16
C4' FNR B . 2.07 -1.01 3.16
C4' FNR B . 1.89 -0.89 3.09
C4' FNR B . 1.89 -0.89 3.09
O4' FNR B . 2.77 0.23 2.92
O4' FNR B . 2.77 0.23 2.92
O4' FNR B . 2.64 0.28 2.67
O4' FNR B . 2.64 0.28 2.67
C5' FNR B . 3.05 -2.16 3.01
C5' FNR B . 3.05 -2.16 3.01
C5' FNR B . 2.76 -2.14 2.99
C5' FNR B . 2.76 -2.14 2.99
O5' FNR B . 4.10 -2.15 4.00
O5' FNR B . 4.10 -2.15 4.00
O5' FNR B . 3.86 -2.10 3.91
O5' FNR B . 3.86 -2.10 3.91
P FNR B . 5.60 -1.46 3.76
P FNR B . 5.60 -1.46 3.76
P FNR B . 5.32 -1.48 3.53
P FNR B . 5.32 -1.48 3.53
O1P FNR B . 6.16 -1.86 2.42
O1P FNR B . 6.16 -1.86 2.42
O1P FNR B . 5.71 -1.95 2.16
O1P FNR B . 5.71 -1.95 2.16
O2P FNR B . 6.31 -2.11 4.94
O2P FNR B . 6.31 -2.11 4.94
O2P FNR B . 6.15 -2.05 4.66
O2P FNR B . 6.15 -2.05 4.66
O3P FNR B . 5.46 0.02 3.85
O3P FNR B . 5.46 0.02 3.85
O3P FNR B . 5.13 0.02 3.60
O3P FNR B . 5.13 0.02 3.60
N1 GX7 C . -2.60 5.99 5.64
N1 GX7 C . -2.60 5.99 5.64
C4 GX7 C . -4.83 9.29 4.66
C4 GX7 C . -4.83 9.29 4.66
C5 GX7 C . -5.38 10.48 3.89
C5 GX7 C . -5.38 10.48 3.89
C6 GX7 C . -4.70 11.69 4.56
C6 GX7 C . -4.70 11.69 4.56
C7 GX7 C . -5.00 11.78 6.06
C7 GX7 C . -5.00 11.78 6.06
C8 GX7 C . -5.84 10.59 6.59
C8 GX7 C . -5.84 10.59 6.59
O1 GX7 C . -2.41 3.90 5.88
O1 GX7 C . -2.41 3.90 5.88
C3 GX7 C . -3.10 4.72 5.48
C3 GX7 C . -3.10 4.72 5.48
C GX7 C . -3.30 6.99 5.26
C GX7 C . -3.30 6.99 5.26
N GX7 C . -4.39 4.52 4.88
N GX7 C . -4.39 4.52 4.88
C2 GX7 C . -5.20 5.57 4.46
C2 GX7 C . -5.20 5.57 4.46
O GX7 C . -6.32 5.30 4.01
O GX7 C . -6.32 5.30 4.01
C1 GX7 C . -4.57 6.87 4.65
C1 GX7 C . -4.57 6.87 4.65
N2 GX7 C . -5.24 7.99 4.16
N2 GX7 C . -5.24 7.99 4.16
C9 GX7 C . -5.27 9.28 6.17
C9 GX7 C . -5.27 9.28 6.17
#